data_8CNR
#
_entry.id   8CNR
#
_cell.length_a   97.557
_cell.length_b   102.454
_cell.length_c   58.896
_cell.angle_alpha   90.00
_cell.angle_beta   90.00
_cell.angle_gamma   90.00
#
_symmetry.space_group_name_H-M   'P 21 21 2'
#
loop_
_entity.id
_entity.type
_entity.pdbx_description
1 polymer 'Hybrid cluster protein from the thermophilic methanogen Methanothermococcus thermolithotrophicus'
2 non-polymer 'MAGNESIUM ION'
3 non-polymer 'ACETATE ION'
4 non-polymer 'IRON/SULFUR CLUSTER'
5 non-polymer 2-ETHOXYETHANOL
6 non-polymer 'FORMIC ACID'
7 non-polymer 1,2-ETHANEDIOL
8 non-polymer GLYCEROL
9 non-polymer 'FE4-S3 CLUSTER'
10 non-polymer (4R)-2-METHYLPENTANE-2,4-DIOL
11 water water
#
_entity_poly.entity_id   1
_entity_poly.type   'polypeptide(L)'
_entity_poly.pdbx_seq_one_letter_code
;MRPSKMFCYQCQETAKNTGCTIIGVCGKKDNVANLQDLLVYTVKGLAVVRENLGYSNDKTDRYIVDALFTTITNVNFDDK
DIIEKIKEGLALREEAASKSTCPGCGGDLPDCATWTADSDDEIIKKANSLEVSVLATENEDVRSLRELLTYGVKGIAAYL
HHAMVLGYDNKDIHKFIRKALVATTDDSLSADELTALVLECGKYAVDTMALLDKANTETYGHPEITEVDIGVRNNPGILI
SGHDLKDLEQLLEQTKGTGVDVYTHSEMLPAHYYPAFKKYDHFVGNYGGSWWRQKEEFEAFNGPIVMTTNCLVPPAESYK
DRIYTTGVVGFPGLKRIPEDENGNKDFSEVIEQAKKCAPPKQLETGKIVGGFAHNQVLALADKVVEAVKSGAIRKFVVMA
GCDGRHPSREYYTEFAKKLPNDTVILTAGCAKYRYNKLGLGDIGGIPRVLDAGQCNDCYSLAVIALKLKEVFELDDINDL
PIAFNVAWYEQKAVAVLLALLYLGVKDIVLGPTLPAFLSPNVAKVLVEKFGISGITTVDEDIERLINK
;
_entity_poly.pdbx_strand_id   A
#
loop_
_chem_comp.id
_chem_comp.type
_chem_comp.name
_chem_comp.formula
ACT non-polymer 'ACETATE ION' 'C2 H3 O2 -1'
EDO non-polymer 1,2-ETHANEDIOL 'C2 H6 O2'
ETX non-polymer 2-ETHOXYETHANOL 'C4 H10 O2'
FMT non-polymer 'FORMIC ACID' 'C H2 O2'
GOL non-polymer GLYCEROL 'C3 H8 O3'
MG non-polymer 'MAGNESIUM ION' 'Mg 2'
MRD non-polymer (4R)-2-METHYLPENTANE-2,4-DIOL 'C6 H14 O2'
SF3 non-polymer 'FE4-S3 CLUSTER' 'Fe4 S3'
SF4 non-polymer 'IRON/SULFUR CLUSTER' 'Fe4 S4'
#
# COMPACT_ATOMS: atom_id res chain seq x y z
N MET A 1 -9.62 20.73 24.07
CA MET A 1 -9.41 19.32 24.52
C MET A 1 -10.01 18.35 23.51
N ARG A 2 -9.32 17.24 23.25
CA ARG A 2 -9.91 16.19 22.44
C ARG A 2 -11.01 15.48 23.23
N PRO A 3 -12.07 15.01 22.55
CA PRO A 3 -13.16 14.32 23.27
C PRO A 3 -12.82 12.88 23.61
N SER A 4 -11.81 12.29 23.00
CA SER A 4 -11.37 10.92 23.26
C SER A 4 -9.86 10.95 23.24
N LYS A 5 -9.25 9.88 23.75
CA LYS A 5 -7.80 9.85 23.85
C LYS A 5 -7.14 9.95 22.48
N MET A 6 -7.79 9.39 21.45
CA MET A 6 -7.30 9.41 20.07
C MET A 6 -8.52 9.24 19.19
N PHE A 7 -8.33 9.43 17.89
CA PHE A 7 -9.36 9.06 16.92
C PHE A 7 -8.67 8.74 15.60
N CYS A 8 -8.84 7.50 15.14
CA CYS A 8 -8.31 7.09 13.84
C CYS A 8 -9.29 6.08 13.23
N TYR A 9 -9.59 6.26 11.94
CA TYR A 9 -10.50 5.36 11.24
C TYR A 9 -10.03 5.09 9.81
N GLN A 10 -8.72 5.18 9.56
CA GLN A 10 -8.22 5.09 8.19
C GLN A 10 -8.07 3.69 7.62
N CYS A 11 -8.13 2.63 8.43
CA CYS A 11 -7.99 1.29 7.86
C CYS A 11 -9.25 0.44 8.04
N GLN A 12 -9.24 -0.69 7.34
CA GLN A 12 -10.43 -1.51 7.27
C GLN A 12 -10.79 -2.12 8.62
N GLU A 13 -9.79 -2.29 9.50
CA GLU A 13 -9.98 -2.92 10.81
C GLU A 13 -10.36 -1.94 11.91
N THR A 14 -10.68 -0.72 11.58
CA THR A 14 -11.00 0.29 12.63
C THR A 14 -12.08 -0.29 13.57
N ALA A 15 -11.94 0.03 14.83
CA ALA A 15 -12.86 -0.53 15.84
C ALA A 15 -14.34 -0.29 15.49
N LYS A 16 -15.12 -1.36 15.45
CA LYS A 16 -16.59 -1.31 15.20
C LYS A 16 -16.92 -0.70 13.85
N ASN A 17 -15.90 -0.56 13.00
CA ASN A 17 -16.08 0.17 11.72
C ASN A 17 -16.59 1.60 12.00
N THR A 18 -16.21 2.16 13.14
CA THR A 18 -16.55 3.57 13.43
C THR A 18 -15.30 4.36 13.86
N GLY A 19 -14.29 3.71 14.41
CA GLY A 19 -13.16 4.51 14.85
C GLY A 19 -12.45 3.96 16.07
N CYS A 20 -11.12 3.97 16.03
CA CYS A 20 -10.30 3.57 17.19
C CYS A 20 -10.16 4.82 18.06
N THR A 21 -10.53 4.73 19.34
CA THR A 21 -10.55 5.90 20.22
C THR A 21 -9.79 5.72 21.52
N ILE A 22 -9.32 4.51 21.83
CA ILE A 22 -8.58 4.23 23.05
C ILE A 22 -7.19 3.73 22.68
N ILE A 23 -7.13 2.65 21.89
CA ILE A 23 -5.91 2.13 21.30
C ILE A 23 -6.28 1.57 19.95
N GLY A 24 -5.38 1.65 18.99
CA GLY A 24 -5.65 1.10 17.69
C GLY A 24 -5.76 -0.42 17.76
N VAL A 25 -6.65 -0.95 16.93
CA VAL A 25 -6.70 -2.40 16.72
C VAL A 25 -5.35 -2.88 16.22
N CYS A 26 -4.66 -2.06 15.43
CA CYS A 26 -3.34 -2.37 14.93
C CYS A 26 -2.25 -2.31 15.99
N GLY A 27 -2.53 -1.75 17.16
CA GLY A 27 -1.54 -1.59 18.21
C GLY A 27 -1.01 -0.19 18.35
N LYS A 28 -1.45 0.73 17.51
CA LYS A 28 -1.03 2.12 17.60
C LYS A 28 -1.62 2.74 18.86
N LYS A 29 -0.76 3.16 19.78
CA LYS A 29 -1.22 3.73 21.04
C LYS A 29 -1.64 5.18 20.82
N ASP A 30 -2.43 5.67 21.75
CA ASP A 30 -3.03 7.03 21.59
C ASP A 30 -1.96 8.10 21.39
N ASN A 31 -0.87 8.03 22.13
CA ASN A 31 0.15 9.07 21.96
C ASN A 31 0.75 9.03 20.56
N VAL A 32 0.93 7.83 20.01
CA VAL A 32 1.45 7.68 18.65
C VAL A 32 0.44 8.16 17.64
N ALA A 33 -0.83 7.77 17.82
CA ALA A 33 -1.87 8.22 16.92
C ALA A 33 -1.94 9.74 16.87
N ASN A 34 -1.88 10.38 18.02
CA ASN A 34 -2.01 11.83 18.05
C ASN A 34 -0.80 12.49 17.42
N LEU A 35 0.39 11.92 17.64
CA LEU A 35 1.58 12.42 16.97
C LEU A 35 1.51 12.25 15.46
N GLN A 36 0.94 11.14 14.98
CA GLN A 36 0.73 11.00 13.53
C GLN A 36 -0.20 12.08 13.00
N ASP A 37 -1.25 12.41 13.76
CA ASP A 37 -2.12 13.49 13.36
C ASP A 37 -1.32 14.79 13.24
N LEU A 38 -0.42 15.04 14.20
CA LEU A 38 0.38 16.25 14.14
C LEU A 38 1.34 16.23 12.95
N LEU A 39 1.87 15.05 12.61
CA LEU A 39 2.73 14.97 11.43
C LEU A 39 1.96 15.32 10.16
N VAL A 40 0.74 14.81 10.01
CA VAL A 40 -0.06 15.17 8.85
C VAL A 40 -0.36 16.67 8.86
N TYR A 41 -0.71 17.23 10.03
CA TYR A 41 -0.95 18.67 10.16
C TYR A 41 0.29 19.48 9.75
N THR A 42 1.46 19.02 10.17
CA THR A 42 2.69 19.72 9.83
C THR A 42 2.96 19.67 8.33
N VAL A 43 2.70 18.52 7.72
CA VAL A 43 2.84 18.36 6.27
C VAL A 43 1.86 19.27 5.54
N LYS A 44 0.63 19.37 6.02
CA LYS A 44 -0.31 20.28 5.38
C LYS A 44 0.20 21.71 5.43
N GLY A 45 0.73 22.12 6.57
CA GLY A 45 1.24 23.49 6.67
C GLY A 45 2.44 23.75 5.78
N LEU A 46 3.34 22.77 5.68
CA LEU A 46 4.47 22.89 4.76
C LEU A 46 3.98 23.03 3.32
N ALA A 47 2.95 22.25 2.94
CA ALA A 47 2.37 22.36 1.61
C ALA A 47 1.81 23.76 1.38
N VAL A 48 1.13 24.33 2.38
CA VAL A 48 0.60 25.68 2.26
C VAL A 48 1.72 26.66 1.96
N VAL A 49 2.81 26.57 2.72
CA VAL A 49 3.89 27.54 2.55
C VAL A 49 4.58 27.37 1.21
N ARG A 50 4.82 26.13 0.77
CA ARG A 50 5.43 25.94 -0.53
C ARG A 50 4.52 26.40 -1.65
N GLU A 51 3.21 26.13 -1.55
CA GLU A 51 2.29 26.60 -2.58
C GLU A 51 2.27 28.12 -2.64
N ASN A 52 2.40 28.78 -1.49
CA ASN A 52 2.49 30.23 -1.48
C ASN A 52 3.77 30.73 -2.12
N LEU A 53 4.88 29.99 -1.96
CA LEU A 53 6.11 30.37 -2.64
C LEU A 53 6.02 30.16 -4.14
N GLY A 54 5.26 29.16 -4.59
CA GLY A 54 5.12 28.86 -5.99
C GLY A 54 6.02 27.77 -6.50
N TYR A 55 6.84 27.18 -5.64
CA TYR A 55 7.74 26.12 -6.08
C TYR A 55 8.18 25.34 -4.86
N SER A 56 8.70 24.15 -5.11
CA SER A 56 9.22 23.25 -4.10
C SER A 56 10.67 22.92 -4.45
N ASN A 57 11.24 21.97 -3.72
CA ASN A 57 12.58 21.46 -4.03
C ASN A 57 12.58 19.97 -3.70
N ASP A 58 13.67 19.31 -4.09
CA ASP A 58 13.74 17.86 -3.96
C ASP A 58 13.64 17.42 -2.51
N LYS A 59 14.32 18.11 -1.60
CA LYS A 59 14.30 17.65 -0.21
C LYS A 59 12.92 17.80 0.41
N THR A 60 12.19 18.86 0.03
CA THR A 60 10.83 19.03 0.53
C THR A 60 9.90 17.99 -0.06
N ASP A 61 10.05 17.70 -1.36
CA ASP A 61 9.20 16.72 -2.01
C ASP A 61 9.40 15.34 -1.36
N ARG A 62 10.66 14.95 -1.15
CA ARG A 62 10.92 13.67 -0.49
C ARG A 62 10.40 13.65 0.95
N TYR A 63 10.61 14.73 1.70
CA TYR A 63 10.10 14.77 3.07
C TYR A 63 8.59 14.55 3.10
N ILE A 64 7.86 15.24 2.22
CA ILE A 64 6.40 15.17 2.27
C ILE A 64 5.93 13.73 2.02
N VAL A 65 6.49 13.06 0.99
CA VAL A 65 5.99 11.71 0.74
C VAL A 65 6.41 10.77 1.87
N ASP A 66 7.61 10.94 2.42
CA ASP A 66 8.05 10.07 3.49
C ASP A 66 7.23 10.30 4.77
N ALA A 67 6.91 11.55 5.06
CA ALA A 67 6.12 11.86 6.23
C ALA A 67 4.71 11.30 6.09
N LEU A 68 4.12 11.43 4.91
CA LEU A 68 2.80 10.82 4.71
C LEU A 68 2.88 9.30 4.86
N PHE A 69 3.90 8.67 4.27
CA PHE A 69 4.03 7.21 4.35
C PHE A 69 4.22 6.76 5.78
N THR A 70 4.91 7.56 6.60
CA THR A 70 5.10 7.24 8.01
C THR A 70 3.76 7.02 8.72
N THR A 71 2.68 7.66 8.24
CA THR A 71 1.38 7.61 8.90
C THR A 71 0.42 6.60 8.28
N ILE A 72 0.88 5.78 7.33
CA ILE A 72 0.07 4.69 6.82
C ILE A 72 0.01 3.58 7.85
N THR A 73 -1.12 2.87 7.83
CA THR A 73 -1.32 1.77 8.78
C THR A 73 -0.15 0.78 8.80
N ASN A 74 0.30 0.43 9.99
CA ASN A 74 1.34 -0.63 10.17
C ASN A 74 2.71 -0.22 9.60
N VAL A 75 3.01 1.06 9.65
CA VAL A 75 4.35 1.53 9.21
C VAL A 75 5.20 1.95 10.40
N ASN A 76 4.68 2.85 11.22
CA ASN A 76 5.53 3.40 12.28
C ASN A 76 4.78 3.55 13.60
N PHE A 77 5.24 2.86 14.63
CA PHE A 77 4.66 2.93 15.99
C PHE A 77 5.63 3.61 16.95
N ASP A 78 6.63 4.34 16.45
CA ASP A 78 7.70 4.88 17.28
C ASP A 78 7.47 6.38 17.48
N ASP A 79 6.94 6.73 18.64
CA ASP A 79 6.64 8.15 18.93
C ASP A 79 7.89 9.02 18.78
N LYS A 80 9.04 8.50 19.18
CA LYS A 80 10.28 9.30 19.08
C LYS A 80 10.60 9.61 17.62
N ASP A 81 10.46 8.61 16.76
N ASP A 81 10.47 8.60 16.75
CA ASP A 81 10.75 8.81 15.31
CA ASP A 81 10.74 8.80 15.30
C ASP A 81 9.74 9.78 14.69
C ASP A 81 9.75 9.81 14.72
N ILE A 82 8.49 9.74 15.14
CA ILE A 82 7.44 10.65 14.60
C ILE A 82 7.72 12.08 15.09
N ILE A 83 8.14 12.22 16.35
CA ILE A 83 8.53 13.56 16.81
C ILE A 83 9.68 14.12 15.97
N GLU A 84 10.66 13.30 15.63
CA GLU A 84 11.77 13.84 14.84
C GLU A 84 11.30 14.24 13.45
N LYS A 85 10.35 13.49 12.89
CA LYS A 85 9.79 13.85 11.58
C LYS A 85 8.98 15.13 11.67
N ILE A 86 8.26 15.35 12.78
CA ILE A 86 7.54 16.62 12.95
C ILE A 86 8.54 17.77 13.00
N LYS A 87 9.61 17.61 13.79
CA LYS A 87 10.61 18.65 13.89
C LYS A 87 11.24 18.95 12.53
N GLU A 88 11.48 17.90 11.74
CA GLU A 88 12.07 18.07 10.42
C GLU A 88 11.15 18.88 9.52
N GLY A 89 9.85 18.62 9.62
CA GLY A 89 8.88 19.36 8.82
C GLY A 89 8.78 20.81 9.24
N LEU A 90 8.80 21.07 10.55
CA LEU A 90 8.78 22.45 11.03
C LEU A 90 10.01 23.20 10.53
N ALA A 91 11.17 22.55 10.52
CA ALA A 91 12.39 23.22 10.06
C ALA A 91 12.32 23.52 8.57
N LEU A 92 11.82 22.58 7.77
CA LEU A 92 11.63 22.84 6.35
C LEU A 92 10.62 23.96 6.13
N ARG A 93 9.55 23.98 6.91
CA ARG A 93 8.56 25.05 6.74
C ARG A 93 9.12 26.40 7.13
N GLU A 94 9.90 26.44 8.22
CA GLU A 94 10.49 27.72 8.63
C GLU A 94 11.51 28.19 7.61
N GLU A 95 12.26 27.26 7.01
CA GLU A 95 13.19 27.63 5.94
C GLU A 95 12.42 28.18 4.74
N ALA A 96 11.36 27.49 4.34
CA ALA A 96 10.55 27.95 3.22
C ALA A 96 9.97 29.33 3.52
N ALA A 97 9.42 29.52 4.71
CA ALA A 97 8.78 30.79 5.01
C ALA A 97 9.77 31.94 4.97
N SER A 98 11.04 31.68 5.30
CA SER A 98 12.08 32.70 5.26
C SER A 98 12.40 33.17 3.85
N LYS A 99 11.95 32.44 2.83
CA LYS A 99 12.20 32.78 1.44
C LYS A 99 11.01 33.52 0.81
N SER A 100 9.99 33.82 1.59
CA SER A 100 8.81 34.47 1.05
C SER A 100 9.12 35.84 0.46
N THR A 101 8.49 36.14 -0.67
CA THR A 101 8.58 37.46 -1.25
C THR A 101 7.55 38.43 -0.69
N CYS A 102 6.62 37.97 0.15
CA CYS A 102 5.56 38.84 0.64
C CYS A 102 5.29 38.52 2.10
N PRO A 103 6.30 38.67 2.95
CA PRO A 103 6.10 38.39 4.38
C PRO A 103 5.00 39.28 4.94
N GLY A 104 3.88 38.67 5.34
CA GLY A 104 2.73 39.37 5.85
C GLY A 104 1.59 39.56 4.87
N CYS A 105 1.88 39.66 3.57
CA CYS A 105 0.85 40.06 2.61
C CYS A 105 -0.22 38.98 2.43
N GLY A 106 0.22 37.75 2.14
CA GLY A 106 -0.71 36.63 1.97
C GLY A 106 -1.77 36.61 3.05
N GLY A 107 -3.00 36.28 2.69
CA GLY A 107 -4.09 36.25 3.64
C GLY A 107 -3.75 35.43 4.86
N ASP A 108 -4.39 35.70 5.99
CA ASP A 108 -4.17 34.94 7.21
C ASP A 108 -4.02 33.45 6.89
N LEU A 109 -2.91 32.90 7.25
CA LEU A 109 -2.60 31.51 6.97
C LEU A 109 -3.30 30.61 7.97
N PRO A 110 -3.62 29.37 7.60
CA PRO A 110 -4.20 28.44 8.57
C PRO A 110 -3.18 28.11 9.64
N ASP A 111 -3.69 27.71 10.81
CA ASP A 111 -2.82 27.40 11.94
C ASP A 111 -1.79 26.32 11.59
N CYS A 112 -2.13 25.36 10.72
CA CYS A 112 -1.16 24.34 10.37
C CYS A 112 0.09 24.93 9.75
N ALA A 113 -0.01 26.11 9.15
CA ALA A 113 1.13 26.74 8.48
C ALA A 113 1.92 27.67 9.41
N THR A 114 1.45 27.91 10.65
CA THR A 114 2.10 28.87 11.51
C THR A 114 2.40 28.37 12.91
N TRP A 115 1.86 27.21 13.31
CA TRP A 115 2.08 26.72 14.66
C TRP A 115 3.56 26.46 14.88
N THR A 116 3.99 26.59 16.14
CA THR A 116 5.39 26.36 16.49
C THR A 116 5.48 25.62 17.83
N ALA A 117 6.64 25.00 18.05
CA ALA A 117 6.93 24.31 19.30
C ALA A 117 8.44 24.27 19.48
N ASP A 118 8.90 24.55 20.69
CA ASP A 118 10.36 24.63 20.91
C ASP A 118 10.84 23.51 21.83
N SER A 119 9.99 22.53 22.12
CA SER A 119 10.36 21.42 22.97
C SER A 119 9.45 20.25 22.66
N ASP A 120 9.91 19.05 22.99
CA ASP A 120 9.06 17.88 22.79
C ASP A 120 7.78 17.96 23.61
N ASP A 121 7.84 18.56 24.80
CA ASP A 121 6.64 18.72 25.60
C ASP A 121 5.59 19.53 24.85
N GLU A 122 6.02 20.59 24.17
CA GLU A 122 5.08 21.42 23.43
C GLU A 122 4.58 20.72 22.18
N ILE A 123 5.40 19.84 21.60
CA ILE A 123 4.95 19.05 20.46
C ILE A 123 3.84 18.11 20.90
N ILE A 124 4.04 17.45 22.03
CA ILE A 124 3.06 16.48 22.52
C ILE A 124 1.76 17.20 22.87
N LYS A 125 1.85 18.38 23.49
CA LYS A 125 0.65 19.16 23.78
C LYS A 125 -0.12 19.50 22.52
N LYS A 126 0.57 19.92 21.46
CA LYS A 126 -0.13 20.23 20.21
C LYS A 126 -0.77 18.98 19.61
N ALA A 127 -0.09 17.85 19.69
CA ALA A 127 -0.64 16.61 19.16
C ALA A 127 -1.93 16.23 19.87
N ASN A 128 -2.03 16.55 21.15
CA ASN A 128 -3.24 16.25 21.92
C ASN A 128 -4.34 17.28 21.75
N SER A 129 -4.13 18.31 20.92
CA SER A 129 -5.11 19.36 20.75
C SER A 129 -6.23 18.94 19.80
N LEU A 130 -7.38 19.61 19.92
CA LEU A 130 -8.50 19.33 19.04
C LEU A 130 -8.20 19.68 17.59
N GLU A 131 -7.44 20.76 17.36
CA GLU A 131 -7.36 21.28 16.00
C GLU A 131 -6.62 20.34 15.06
N VAL A 132 -5.80 19.42 15.59
CA VAL A 132 -5.08 18.49 14.73
C VAL A 132 -5.84 17.19 14.53
N SER A 133 -6.97 17.01 15.20
N SER A 133 -6.96 17.00 15.21
CA SER A 133 -7.71 15.77 15.13
CA SER A 133 -7.67 15.75 15.11
C SER A 133 -8.54 15.69 13.85
C SER A 133 -8.49 15.69 13.82
N VAL A 134 -8.77 14.46 13.39
CA VAL A 134 -9.65 14.23 12.25
C VAL A 134 -11.00 14.93 12.46
N LEU A 135 -11.47 14.91 13.71
CA LEU A 135 -12.82 15.47 13.99
C LEU A 135 -12.83 16.99 14.03
N ALA A 136 -11.71 17.64 13.75
CA ALA A 136 -11.71 19.10 13.67
C ALA A 136 -12.59 19.60 12.54
N THR A 137 -12.77 18.81 11.48
CA THR A 137 -13.72 19.16 10.43
C THR A 137 -15.12 18.81 10.92
N GLU A 138 -15.96 19.84 11.10
CA GLU A 138 -17.22 19.67 11.82
C GLU A 138 -18.34 19.10 10.93
N ASN A 139 -18.42 19.48 9.67
CA ASN A 139 -19.42 18.91 8.79
C ASN A 139 -19.02 17.52 8.34
N GLU A 140 -19.95 16.57 8.44
CA GLU A 140 -19.65 15.16 8.22
C GLU A 140 -19.25 14.86 6.78
N ASP A 141 -19.90 15.53 5.82
CA ASP A 141 -19.59 15.20 4.43
C ASP A 141 -18.27 15.84 3.99
N VAL A 142 -18.02 17.07 4.41
CA VAL A 142 -16.71 17.69 4.17
C VAL A 142 -15.62 16.86 4.84
N ARG A 143 -15.85 16.41 6.07
CA ARG A 143 -14.85 15.59 6.75
C ARG A 143 -14.56 14.31 5.97
N SER A 144 -15.61 13.62 5.53
CA SER A 144 -15.47 12.38 4.81
C SER A 144 -14.67 12.59 3.52
N LEU A 145 -15.03 13.62 2.74
CA LEU A 145 -14.31 13.90 1.50
C LEU A 145 -12.85 14.29 1.76
N ARG A 146 -12.61 15.09 2.80
CA ARG A 146 -11.23 15.47 3.12
C ARG A 146 -10.41 14.26 3.52
N GLU A 147 -10.98 13.36 4.33
CA GLU A 147 -10.21 12.21 4.77
C GLU A 147 -10.02 11.20 3.65
N LEU A 148 -11.04 10.99 2.83
CA LEU A 148 -10.90 10.13 1.67
C LEU A 148 -9.78 10.62 0.75
N LEU A 149 -9.77 11.94 0.46
CA LEU A 149 -8.70 12.53 -0.32
C LEU A 149 -7.35 12.36 0.35
N THR A 150 -7.27 12.61 1.66
CA THR A 150 -6.01 12.48 2.37
C THR A 150 -5.49 11.05 2.30
N TYR A 151 -6.36 10.04 2.47
CA TYR A 151 -5.87 8.66 2.46
C TYR A 151 -5.46 8.26 1.05
N GLY A 152 -6.16 8.73 0.02
CA GLY A 152 -5.70 8.52 -1.34
C GLY A 152 -4.33 9.13 -1.58
N VAL A 153 -4.12 10.32 -1.05
CA VAL A 153 -2.85 11.02 -1.18
C VAL A 153 -1.76 10.26 -0.44
N LYS A 154 -2.06 9.69 0.72
CA LYS A 154 -1.07 8.86 1.40
C LYS A 154 -0.66 7.69 0.51
N GLY A 155 -1.62 7.08 -0.18
CA GLY A 155 -1.28 5.95 -1.04
C GLY A 155 -0.38 6.37 -2.19
N ILE A 156 -0.74 7.48 -2.85
CA ILE A 156 0.13 8.08 -3.86
C ILE A 156 1.53 8.30 -3.30
N ALA A 157 1.62 8.86 -2.09
CA ALA A 157 2.90 9.20 -1.51
C ALA A 157 3.76 7.97 -1.32
N ALA A 158 3.16 6.86 -0.93
CA ALA A 158 3.92 5.65 -0.70
C ALA A 158 4.53 5.15 -1.99
N TYR A 159 3.73 5.12 -3.06
CA TYR A 159 4.27 4.64 -4.32
C TYR A 159 5.32 5.60 -4.87
N LEU A 160 5.10 6.91 -4.69
CA LEU A 160 6.03 7.90 -5.18
C LEU A 160 7.36 7.82 -4.42
N HIS A 161 7.29 7.54 -3.10
CA HIS A 161 8.49 7.27 -2.33
C HIS A 161 9.34 6.19 -2.98
N HIS A 162 8.72 5.07 -3.36
CA HIS A 162 9.50 3.98 -3.93
C HIS A 162 10.10 4.38 -5.27
N ALA A 163 9.35 5.12 -6.08
CA ALA A 163 9.92 5.58 -7.34
C ALA A 163 11.13 6.48 -7.10
N MET A 164 11.03 7.38 -6.11
CA MET A 164 12.12 8.30 -5.82
C MET A 164 13.34 7.57 -5.30
N VAL A 165 13.15 6.54 -4.48
CA VAL A 165 14.24 5.69 -3.99
C VAL A 165 15.03 5.13 -5.17
N LEU A 166 14.35 4.81 -6.26
CA LEU A 166 14.95 4.24 -7.47
C LEU A 166 15.44 5.29 -8.44
N GLY A 167 15.31 6.58 -8.11
CA GLY A 167 15.83 7.65 -8.94
C GLY A 167 14.85 8.20 -9.94
N TYR A 168 13.56 7.93 -9.77
CA TYR A 168 12.51 8.37 -10.66
C TYR A 168 11.65 9.41 -9.95
N ASP A 169 11.07 10.31 -10.73
CA ASP A 169 10.26 11.34 -10.09
C ASP A 169 9.30 11.90 -11.12
N ASN A 170 8.33 12.66 -10.61
CA ASN A 170 7.40 13.38 -11.47
C ASN A 170 6.89 14.57 -10.66
N LYS A 171 7.39 15.76 -10.96
CA LYS A 171 7.04 16.92 -10.15
C LYS A 171 5.58 17.31 -10.31
N ASP A 172 4.89 16.86 -11.37
CA ASP A 172 3.45 17.14 -11.43
C ASP A 172 2.69 16.38 -10.36
N ILE A 173 3.14 15.17 -10.00
CA ILE A 173 2.48 14.44 -8.93
C ILE A 173 2.68 15.17 -7.61
N HIS A 174 3.90 15.63 -7.34
CA HIS A 174 4.15 16.34 -6.09
C HIS A 174 3.29 17.59 -6.02
N LYS A 175 3.13 18.28 -7.16
CA LYS A 175 2.28 19.47 -7.23
C LYS A 175 0.85 19.12 -6.82
N PHE A 176 0.33 17.98 -7.32
CA PHE A 176 -1.01 17.56 -6.94
C PHE A 176 -1.09 17.24 -5.44
N ILE A 177 -0.09 16.54 -4.92
CA ILE A 177 -0.08 16.23 -3.49
C ILE A 177 -0.21 17.51 -2.68
N ARG A 178 0.57 18.54 -3.03
CA ARG A 178 0.49 19.79 -2.29
C ARG A 178 -0.86 20.45 -2.47
N LYS A 179 -1.41 20.46 -3.69
CA LYS A 179 -2.72 21.04 -3.95
C LYS A 179 -3.79 20.38 -3.08
N ALA A 180 -3.77 19.05 -3.05
CA ALA A 180 -4.77 18.31 -2.30
C ALA A 180 -4.64 18.56 -0.81
N LEU A 181 -3.40 18.55 -0.29
CA LEU A 181 -3.22 18.86 1.12
C LEU A 181 -3.76 20.23 1.46
N VAL A 182 -3.43 21.22 0.64
CA VAL A 182 -3.89 22.57 0.92
C VAL A 182 -5.42 22.62 0.87
N ALA A 183 -6.01 21.88 -0.06
CA ALA A 183 -7.48 21.90 -0.18
C ALA A 183 -8.14 21.49 1.12
N THR A 184 -7.52 20.54 1.86
CA THR A 184 -8.12 20.09 3.12
C THR A 184 -8.06 21.14 4.20
N THR A 185 -7.30 22.22 4.00
CA THR A 185 -7.23 23.34 4.93
C THR A 185 -8.10 24.51 4.50
N ASP A 186 -8.78 24.41 3.37
CA ASP A 186 -9.45 25.54 2.72
C ASP A 186 -10.95 25.42 2.95
N ASP A 187 -11.47 26.22 3.86
CA ASP A 187 -12.90 26.14 4.16
C ASP A 187 -13.79 26.76 3.10
N SER A 188 -13.22 27.39 2.07
CA SER A 188 -14.03 27.96 1.00
C SER A 188 -14.53 26.91 0.00
N LEU A 189 -13.93 25.72 -0.03
CA LEU A 189 -14.28 24.76 -1.08
C LEU A 189 -15.62 24.08 -0.80
N SER A 190 -16.38 23.87 -1.86
CA SER A 190 -17.62 23.12 -1.73
C SER A 190 -17.36 21.62 -1.76
N ALA A 191 -18.39 20.85 -1.37
CA ALA A 191 -18.28 19.40 -1.49
C ALA A 191 -18.09 18.96 -2.93
N ASP A 192 -18.65 19.68 -3.89
CA ASP A 192 -18.43 19.31 -5.29
C ASP A 192 -16.97 19.51 -5.69
N GLU A 193 -16.35 20.59 -5.20
CA GLU A 193 -14.95 20.83 -5.48
C GLU A 193 -14.08 19.74 -4.86
N LEU A 194 -14.40 19.31 -3.64
CA LEU A 194 -13.65 18.23 -3.02
C LEU A 194 -13.87 16.92 -3.75
N THR A 195 -15.09 16.68 -4.21
CA THR A 195 -15.36 15.50 -5.01
C THR A 195 -14.51 15.49 -6.27
N ALA A 196 -14.34 16.64 -6.92
CA ALA A 196 -13.50 16.70 -8.11
C ALA A 196 -12.05 16.41 -7.77
N LEU A 197 -11.59 16.84 -6.59
CA LEU A 197 -10.23 16.54 -6.20
C LEU A 197 -10.03 15.05 -5.92
N VAL A 198 -11.06 14.38 -5.39
CA VAL A 198 -10.96 12.94 -5.15
C VAL A 198 -10.79 12.22 -6.48
N LEU A 199 -11.55 12.61 -7.49
CA LEU A 199 -11.41 12.00 -8.81
C LEU A 199 -10.04 12.29 -9.39
N GLU A 200 -9.57 13.52 -9.23
CA GLU A 200 -8.22 13.86 -9.67
C GLU A 200 -7.16 13.06 -8.94
N CYS A 201 -7.37 12.74 -7.67
CA CYS A 201 -6.46 11.89 -6.94
C CYS A 201 -6.35 10.53 -7.62
N GLY A 202 -7.47 10.02 -8.14
CA GLY A 202 -7.42 8.81 -8.93
C GLY A 202 -6.57 8.95 -10.19
N LYS A 203 -6.69 10.08 -10.91
CA LYS A 203 -5.85 10.36 -12.06
C LYS A 203 -4.37 10.34 -11.71
N TYR A 204 -4.01 11.01 -10.61
CA TYR A 204 -2.61 11.03 -10.19
C TYR A 204 -2.17 9.70 -9.60
N ALA A 205 -3.08 8.91 -9.04
CA ALA A 205 -2.72 7.55 -8.62
C ALA A 205 -2.31 6.71 -9.82
N VAL A 206 -3.05 6.79 -10.92
CA VAL A 206 -2.62 6.10 -12.14
C VAL A 206 -1.22 6.56 -12.54
N ASP A 207 -0.98 7.87 -12.55
CA ASP A 207 0.31 8.38 -12.99
C ASP A 207 1.43 7.91 -12.06
N THR A 208 1.15 7.82 -10.76
CA THR A 208 2.16 7.40 -9.80
C THR A 208 2.45 5.93 -9.97
N MET A 209 1.42 5.13 -10.13
CA MET A 209 1.67 3.68 -10.36
C MET A 209 2.38 3.46 -11.71
N ALA A 210 2.11 4.31 -12.70
CA ALA A 210 2.84 4.20 -13.98
C ALA A 210 4.30 4.50 -13.73
N LEU A 211 4.60 5.51 -12.93
CA LEU A 211 5.98 5.89 -12.66
C LEU A 211 6.70 4.80 -11.88
N LEU A 212 6.03 4.20 -10.89
CA LEU A 212 6.66 3.13 -10.11
C LEU A 212 6.87 1.88 -10.98
N ASP A 213 5.89 1.59 -11.85
CA ASP A 213 6.04 0.47 -12.79
C ASP A 213 7.26 0.69 -13.68
N LYS A 214 7.44 1.92 -14.16
CA LYS A 214 8.61 2.25 -14.96
C LYS A 214 9.87 2.07 -14.14
N ALA A 215 9.88 2.58 -12.92
CA ALA A 215 11.09 2.53 -12.10
C ALA A 215 11.47 1.08 -11.79
N ASN A 216 10.49 0.28 -11.39
CA ASN A 216 10.80 -1.12 -11.04
C ASN A 216 11.24 -1.91 -12.26
N THR A 217 10.54 -1.76 -13.39
CA THR A 217 10.84 -2.57 -14.56
C THR A 217 12.11 -2.10 -15.28
N GLU A 218 12.38 -0.80 -15.32
CA GLU A 218 13.61 -0.34 -15.93
C GLU A 218 14.82 -0.72 -15.09
N THR A 219 14.64 -0.83 -13.77
CA THR A 219 15.75 -1.16 -12.89
C THR A 219 15.99 -2.67 -12.83
N TYR A 220 14.92 -3.45 -12.69
CA TYR A 220 15.02 -4.88 -12.39
C TYR A 220 14.50 -5.80 -13.47
N GLY A 221 14.08 -5.25 -14.62
CA GLY A 221 13.50 -6.05 -15.69
C GLY A 221 11.99 -6.14 -15.59
N HIS A 222 11.38 -6.60 -16.67
CA HIS A 222 9.95 -6.87 -16.64
C HIS A 222 9.69 -8.20 -15.97
N PRO A 223 8.71 -8.27 -15.07
CA PRO A 223 8.32 -9.55 -14.50
C PRO A 223 8.03 -10.57 -15.58
N GLU A 224 8.32 -11.83 -15.28
CA GLU A 224 8.10 -12.91 -16.23
C GLU A 224 7.59 -14.11 -15.46
N ILE A 225 6.97 -15.03 -16.19
CA ILE A 225 6.43 -16.22 -15.57
C ILE A 225 7.52 -16.93 -14.77
N THR A 226 7.21 -17.24 -13.52
CA THR A 226 8.18 -17.77 -12.59
C THR A 226 7.49 -18.71 -11.62
N GLU A 227 8.14 -19.83 -11.34
CA GLU A 227 7.71 -20.73 -10.28
C GLU A 227 8.50 -20.38 -9.03
N VAL A 228 7.79 -20.10 -7.94
CA VAL A 228 8.43 -19.69 -6.69
C VAL A 228 8.24 -20.80 -5.66
N ASP A 229 9.35 -21.23 -5.07
CA ASP A 229 9.32 -22.22 -4.01
C ASP A 229 8.74 -21.62 -2.73
N ILE A 230 7.86 -22.37 -2.06
CA ILE A 230 7.34 -21.97 -0.76
C ILE A 230 7.84 -22.86 0.36
N GLY A 231 8.72 -23.81 0.06
CA GLY A 231 9.40 -24.57 1.07
C GLY A 231 10.67 -23.88 1.52
N VAL A 232 11.50 -24.62 2.28
CA VAL A 232 12.71 -24.07 2.85
C VAL A 232 13.92 -24.90 2.48
N ARG A 233 15.08 -24.25 2.61
CA ARG A 233 16.37 -24.93 2.46
C ARG A 233 16.95 -25.13 3.87
N ASN A 234 18.22 -25.48 3.99
CA ASN A 234 18.82 -25.88 5.26
C ASN A 234 19.91 -24.93 5.74
N ASN A 235 19.89 -23.69 5.28
CA ASN A 235 20.82 -22.67 5.73
C ASN A 235 20.10 -21.61 6.54
N PRO A 236 20.80 -20.91 7.41
CA PRO A 236 20.21 -19.73 8.03
C PRO A 236 19.77 -18.77 6.93
N GLY A 237 18.70 -18.04 7.21
CA GLY A 237 18.12 -17.15 6.24
C GLY A 237 17.86 -15.77 6.84
N ILE A 238 17.65 -14.81 5.95
CA ILE A 238 17.10 -13.51 6.28
C ILE A 238 15.81 -13.37 5.49
N LEU A 239 14.75 -12.95 6.14
CA LEU A 239 13.43 -12.79 5.54
C LEU A 239 13.18 -11.30 5.34
N ILE A 240 12.84 -10.91 4.12
CA ILE A 240 12.58 -9.50 3.80
C ILE A 240 11.10 -9.35 3.48
N SER A 241 10.48 -8.36 4.14
CA SER A 241 9.03 -8.11 4.06
C SER A 241 8.79 -6.68 3.57
N GLY A 242 7.55 -6.43 3.17
CA GLY A 242 7.21 -5.10 2.67
C GLY A 242 7.21 -5.01 1.16
N HIS A 243 7.69 -3.89 0.64
CA HIS A 243 7.58 -3.67 -0.82
C HIS A 243 8.85 -3.14 -1.50
N ASP A 244 9.88 -2.77 -0.75
CA ASP A 244 11.01 -2.07 -1.41
C ASP A 244 12.00 -3.01 -2.10
N LEU A 245 12.02 -2.92 -3.42
CA LEU A 245 12.88 -3.82 -4.21
C LEU A 245 14.36 -3.38 -4.17
N LYS A 246 14.63 -2.11 -3.91
CA LYS A 246 16.01 -1.67 -3.83
C LYS A 246 16.66 -2.19 -2.55
N ASP A 247 15.90 -2.26 -1.46
CA ASP A 247 16.43 -2.89 -0.25
C ASP A 247 16.79 -4.35 -0.52
N LEU A 248 15.95 -5.07 -1.26
CA LEU A 248 16.25 -6.45 -1.58
C LEU A 248 17.50 -6.55 -2.43
N GLU A 249 17.63 -5.67 -3.44
CA GLU A 249 18.82 -5.70 -4.29
C GLU A 249 20.09 -5.67 -3.45
N GLN A 250 20.15 -4.75 -2.48
CA GLN A 250 21.33 -4.62 -1.66
C GLN A 250 21.51 -5.80 -0.71
N LEU A 251 20.41 -6.30 -0.15
CA LEU A 251 20.50 -7.48 0.70
C LEU A 251 21.04 -8.69 -0.04
N LEU A 252 20.58 -8.91 -1.28
CA LEU A 252 21.08 -10.03 -2.08
C LEU A 252 22.55 -9.85 -2.41
N GLU A 253 22.96 -8.64 -2.81
CA GLU A 253 24.36 -8.41 -3.11
C GLU A 253 25.24 -8.73 -1.90
N GLN A 254 24.81 -8.33 -0.71
CA GLN A 254 25.64 -8.45 0.47
C GLN A 254 25.61 -9.85 1.07
N THR A 255 24.59 -10.66 0.77
CA THR A 255 24.54 -12.02 1.28
C THR A 255 25.16 -13.03 0.33
N LYS A 256 25.42 -12.64 -0.92
CA LYS A 256 26.09 -13.54 -1.86
C LYS A 256 27.40 -14.05 -1.26
N GLY A 257 27.56 -15.38 -1.25
CA GLY A 257 28.76 -16.00 -0.77
C GLY A 257 28.90 -16.14 0.72
N THR A 258 27.87 -15.76 1.49
CA THR A 258 27.98 -15.76 2.94
C THR A 258 27.44 -17.02 3.60
N GLY A 259 26.73 -17.86 2.88
CA GLY A 259 26.04 -18.98 3.48
C GLY A 259 24.70 -18.64 4.09
N VAL A 260 24.24 -17.41 3.94
CA VAL A 260 22.94 -16.98 4.43
C VAL A 260 22.03 -16.86 3.22
N ASP A 261 20.90 -17.56 3.26
CA ASP A 261 19.91 -17.47 2.19
C ASP A 261 18.97 -16.29 2.42
N VAL A 262 18.29 -15.88 1.35
CA VAL A 262 17.29 -14.83 1.43
C VAL A 262 15.94 -15.37 1.00
N TYR A 263 14.91 -15.02 1.77
CA TYR A 263 13.53 -15.35 1.51
C TYR A 263 12.71 -14.09 1.49
N THR A 264 11.62 -14.11 0.72
CA THR A 264 10.64 -13.02 0.73
C THR A 264 9.44 -13.36 1.58
N HIS A 265 8.76 -12.28 1.96
CA HIS A 265 7.52 -12.41 2.77
C HIS A 265 6.47 -11.41 2.26
N SER A 266 5.23 -11.87 2.17
CA SER A 266 4.05 -11.01 1.85
C SER A 266 4.22 -10.21 0.56
N GLU A 267 4.44 -8.90 0.64
CA GLU A 267 4.47 -8.08 -0.60
C GLU A 267 5.86 -8.09 -1.25
N MET A 268 6.77 -8.88 -0.72
CA MET A 268 8.06 -9.04 -1.43
C MET A 268 8.01 -10.27 -2.35
N LEU A 269 6.99 -11.11 -2.26
CA LEU A 269 6.87 -12.26 -3.17
C LEU A 269 7.14 -11.87 -4.62
N PRO A 270 6.60 -10.78 -5.16
CA PRO A 270 6.80 -10.49 -6.58
C PRO A 270 8.24 -10.20 -6.97
N ALA A 271 9.14 -9.97 -6.01
CA ALA A 271 10.54 -9.82 -6.39
C ALA A 271 11.03 -11.03 -7.17
N HIS A 272 10.49 -12.22 -6.87
CA HIS A 272 10.93 -13.43 -7.54
C HIS A 272 10.60 -13.43 -9.02
N TYR A 273 9.69 -12.56 -9.46
CA TYR A 273 9.31 -12.53 -10.86
C TYR A 273 10.25 -11.69 -11.72
N TYR A 274 11.12 -10.88 -11.11
CA TYR A 274 11.98 -9.96 -11.83
C TYR A 274 13.29 -10.62 -12.20
N PRO A 275 13.72 -10.50 -13.45
CA PRO A 275 15.00 -11.12 -13.86
C PRO A 275 16.19 -10.75 -12.99
N ALA A 276 16.24 -9.50 -12.49
CA ALA A 276 17.41 -9.07 -11.74
C ALA A 276 17.57 -9.78 -10.40
N PHE A 277 16.53 -10.42 -9.88
CA PHE A 277 16.64 -11.13 -8.62
C PHE A 277 16.67 -12.63 -8.82
N LYS A 278 16.06 -13.11 -9.90
CA LYS A 278 16.08 -14.53 -10.25
C LYS A 278 17.49 -15.06 -10.45
N LYS A 279 18.47 -14.18 -10.74
CA LYS A 279 19.83 -14.58 -11.04
C LYS A 279 20.62 -15.08 -9.83
N TYR A 280 20.11 -14.91 -8.61
CA TYR A 280 20.85 -15.26 -7.41
C TYR A 280 20.40 -16.63 -6.93
N ASP A 281 21.36 -17.56 -6.81
CA ASP A 281 21.00 -18.91 -6.40
C ASP A 281 20.67 -19.03 -4.92
N HIS A 282 20.99 -18.04 -4.11
CA HIS A 282 20.70 -18.07 -2.64
C HIS A 282 19.36 -17.35 -2.35
N PHE A 283 18.65 -16.89 -3.35
CA PHE A 283 17.30 -16.30 -3.22
C PHE A 283 16.36 -17.51 -3.28
N VAL A 284 15.93 -18.01 -2.14
CA VAL A 284 15.29 -19.36 -2.06
C VAL A 284 13.83 -19.40 -2.45
N GLY A 285 13.05 -18.51 -1.85
CA GLY A 285 11.62 -18.60 -2.09
C GLY A 285 10.83 -17.65 -1.20
N ASN A 286 9.53 -17.92 -1.13
CA ASN A 286 8.61 -17.06 -0.36
C ASN A 286 8.15 -17.84 0.87
N TYR A 287 8.25 -17.21 2.01
CA TYR A 287 7.96 -17.86 3.28
C TYR A 287 6.67 -17.34 3.86
N GLY A 288 5.72 -18.28 4.05
CA GLY A 288 4.53 -17.93 4.79
C GLY A 288 3.45 -17.30 3.94
N GLY A 289 2.65 -16.46 4.59
CA GLY A 289 1.51 -15.86 3.93
C GLY A 289 1.53 -14.35 3.97
N SER A 290 0.36 -13.74 4.11
CA SER A 290 0.30 -12.29 4.14
C SER A 290 0.69 -11.78 5.52
N TRP A 291 0.71 -10.46 5.62
CA TRP A 291 1.28 -9.76 6.76
C TRP A 291 0.66 -10.18 8.10
N TRP A 292 -0.65 -10.48 8.14
CA TRP A 292 -1.31 -10.59 9.45
C TRP A 292 -0.92 -11.86 10.20
N ARG A 293 -0.27 -12.82 9.54
CA ARG A 293 0.21 -14.03 10.22
C ARG A 293 1.65 -13.89 10.68
N GLN A 294 2.22 -12.68 10.69
CA GLN A 294 3.66 -12.57 10.85
C GLN A 294 4.15 -12.88 12.26
N LYS A 295 3.36 -12.68 13.31
CA LYS A 295 3.86 -13.00 14.64
CA LYS A 295 3.89 -13.00 14.64
C LYS A 295 4.26 -14.46 14.73
N GLU A 296 3.44 -15.35 14.16
CA GLU A 296 3.77 -16.78 14.17
C GLU A 296 4.83 -17.11 13.13
N GLU A 297 4.72 -16.53 11.94
CA GLU A 297 5.63 -16.90 10.85
C GLU A 297 7.03 -16.32 11.05
N PHE A 298 7.14 -15.08 11.52
CA PHE A 298 8.48 -14.54 11.79
C PHE A 298 9.18 -15.32 12.90
N GLU A 299 8.43 -15.77 13.90
CA GLU A 299 9.04 -16.60 14.93
CA GLU A 299 9.05 -16.60 14.93
C GLU A 299 9.60 -17.88 14.32
N ALA A 300 8.78 -18.57 13.52
CA ALA A 300 9.14 -19.86 12.96
C ALA A 300 10.30 -19.75 11.98
N PHE A 301 10.47 -18.59 11.36
CA PHE A 301 11.54 -18.39 10.38
C PHE A 301 12.93 -18.52 11.00
N ASN A 302 13.06 -18.26 12.30
CA ASN A 302 14.28 -18.39 13.10
C ASN A 302 15.33 -17.33 12.80
N GLY A 303 15.52 -16.98 11.52
CA GLY A 303 16.49 -15.98 11.17
C GLY A 303 16.00 -14.56 11.28
N PRO A 304 16.84 -13.58 10.99
CA PRO A 304 16.40 -12.19 11.07
C PRO A 304 15.38 -11.84 10.00
N ILE A 305 14.63 -10.77 10.30
CA ILE A 305 13.62 -10.23 9.43
C ILE A 305 13.95 -8.77 9.17
N VAL A 306 13.79 -8.34 7.93
CA VAL A 306 13.97 -6.93 7.55
C VAL A 306 12.64 -6.44 7.02
N MET A 307 12.10 -5.44 7.71
CA MET A 307 10.79 -4.84 7.34
C MET A 307 11.04 -3.54 6.58
N THR A 308 10.67 -3.49 5.29
CA THR A 308 11.01 -2.33 4.43
C THR A 308 9.89 -1.30 4.34
N THR A 309 8.67 -1.73 4.64
CA THR A 309 7.48 -0.84 4.59
C THR A 309 6.42 -1.54 5.43
N ASN A 310 5.19 -1.05 5.35
CA ASN A 310 4.10 -1.82 5.96
C ASN A 310 4.02 -3.17 5.23
N CYS A 311 3.39 -4.17 5.83
CA CYS A 311 2.76 -4.06 7.18
C CYS A 311 3.60 -4.72 8.28
N LEU A 312 3.96 -3.92 9.29
CA LEU A 312 4.60 -4.41 10.49
C LEU A 312 3.54 -4.45 11.59
N VAL A 313 3.45 -5.58 12.29
N VAL A 313 3.52 -5.55 12.34
CA VAL A 313 2.63 -5.66 13.49
CA VAL A 313 2.65 -5.74 13.49
C VAL A 313 3.55 -5.58 14.70
C VAL A 313 3.55 -5.63 14.71
N PRO A 314 3.09 -5.06 15.84
CA PRO A 314 3.95 -5.03 17.03
C PRO A 314 4.53 -6.41 17.32
N PRO A 315 5.85 -6.52 17.40
CA PRO A 315 6.46 -7.86 17.40
C PRO A 315 6.28 -8.63 18.69
N ALA A 316 6.27 -9.94 18.55
CA ALA A 316 6.38 -10.82 19.70
C ALA A 316 7.79 -10.75 20.28
N GLU A 317 7.86 -10.95 21.60
CA GLU A 317 9.14 -10.93 22.29
C GLU A 317 10.11 -11.94 21.70
N SER A 318 9.59 -13.05 21.17
CA SER A 318 10.45 -14.14 20.73
C SER A 318 11.42 -13.71 19.63
N TYR A 319 11.00 -12.82 18.73
CA TYR A 319 11.85 -12.37 17.63
C TYR A 319 12.17 -10.88 17.66
N LYS A 320 11.82 -10.17 18.72
CA LYS A 320 12.04 -8.70 18.75
C LYS A 320 13.51 -8.37 18.47
N ASP A 321 14.42 -9.24 18.99
N ASP A 321 14.41 -9.22 18.99
CA ASP A 321 15.85 -8.99 18.89
CA ASP A 321 15.84 -8.91 18.89
C ASP A 321 16.41 -9.21 17.49
C ASP A 321 16.45 -9.36 17.56
N ARG A 322 15.63 -9.77 16.57
CA ARG A 322 16.13 -10.10 15.24
C ARG A 322 15.25 -9.54 14.13
N ILE A 323 14.42 -8.54 14.40
CA ILE A 323 13.66 -7.87 13.35
C ILE A 323 14.15 -6.42 13.26
N TYR A 324 14.43 -5.99 12.05
CA TYR A 324 15.06 -4.71 11.76
C TYR A 324 14.14 -3.87 10.89
N THR A 325 14.20 -2.56 11.09
CA THR A 325 13.39 -1.65 10.29
C THR A 325 14.27 -0.82 9.36
N THR A 326 13.68 -0.41 8.24
CA THR A 326 14.34 0.53 7.34
C THR A 326 13.29 1.43 6.71
N GLY A 327 13.76 2.40 5.95
CA GLY A 327 12.82 3.32 5.33
C GLY A 327 12.04 4.09 6.38
N VAL A 328 10.74 4.25 6.14
CA VAL A 328 9.89 4.98 7.06
C VAL A 328 9.34 4.11 8.18
N VAL A 329 9.69 2.83 8.22
CA VAL A 329 9.17 1.94 9.25
C VAL A 329 9.82 2.24 10.59
N GLY A 330 9.08 2.02 11.67
CA GLY A 330 9.64 2.19 12.99
C GLY A 330 8.84 1.47 14.05
N PHE A 331 9.54 1.01 15.07
CA PHE A 331 8.91 0.44 16.26
C PHE A 331 9.91 0.62 17.41
N PRO A 332 9.46 1.06 18.57
CA PRO A 332 10.40 1.30 19.68
C PRO A 332 11.24 0.07 19.99
N GLY A 333 12.55 0.27 20.05
CA GLY A 333 13.48 -0.77 20.44
C GLY A 333 13.93 -1.67 19.32
N LEU A 334 13.41 -1.51 18.11
CA LEU A 334 13.86 -2.33 16.99
C LEU A 334 15.05 -1.65 16.33
N LYS A 335 16.05 -2.46 15.98
CA LYS A 335 17.25 -1.93 15.34
C LYS A 335 16.94 -1.48 13.93
N ARG A 336 17.60 -0.40 13.51
CA ARG A 336 17.50 0.13 12.16
C ARG A 336 18.64 -0.43 11.32
N ILE A 337 18.36 -0.55 10.03
CA ILE A 337 19.43 -0.79 9.08
C ILE A 337 20.20 0.51 8.89
N PRO A 338 21.52 0.51 9.06
CA PRO A 338 22.28 1.75 8.80
C PRO A 338 22.25 2.11 7.33
N GLU A 339 22.20 3.43 7.07
CA GLU A 339 22.07 3.98 5.72
C GLU A 339 22.88 5.25 5.61
N ASP A 340 23.58 5.41 4.48
CA ASP A 340 24.40 6.59 4.23
C ASP A 340 23.60 7.67 3.50
N GLU A 341 24.26 8.79 3.15
CA GLU A 341 23.55 9.91 2.56
C GLU A 341 23.04 9.60 1.15
N ASN A 342 23.56 8.56 0.52
CA ASN A 342 23.21 8.21 -0.85
C ASN A 342 22.19 7.09 -0.94
N GLY A 343 21.61 6.67 0.18
CA GLY A 343 20.64 5.61 0.18
C GLY A 343 21.20 4.21 0.24
N ASN A 344 22.51 4.07 0.40
CA ASN A 344 23.11 2.74 0.47
C ASN A 344 22.94 2.17 1.87
N LYS A 345 22.46 0.94 1.94
CA LYS A 345 22.13 0.29 3.21
C LYS A 345 23.13 -0.79 3.51
N ASP A 346 23.46 -0.91 4.80
CA ASP A 346 24.49 -1.82 5.30
C ASP A 346 23.78 -2.92 6.10
N PHE A 347 23.78 -4.14 5.57
CA PHE A 347 23.13 -5.27 6.20
C PHE A 347 24.11 -6.13 7.00
N SER A 348 25.30 -5.62 7.28
N SER A 348 25.30 -5.62 7.28
CA SER A 348 26.34 -6.45 7.87
CA SER A 348 26.34 -6.45 7.88
C SER A 348 25.93 -7.00 9.24
C SER A 348 25.89 -7.01 9.23
N GLU A 349 25.27 -6.19 10.07
CA GLU A 349 24.85 -6.66 11.40
C GLU A 349 23.80 -7.75 11.27
N VAL A 350 22.87 -7.60 10.32
CA VAL A 350 21.85 -8.61 10.10
C VAL A 350 22.49 -9.92 9.69
N ILE A 351 23.47 -9.86 8.78
CA ILE A 351 24.08 -11.07 8.24
C ILE A 351 24.86 -11.80 9.33
N GLU A 352 25.59 -11.05 10.15
CA GLU A 352 26.33 -11.67 11.25
C GLU A 352 25.40 -12.34 12.24
N GLN A 353 24.26 -11.72 12.52
CA GLN A 353 23.27 -12.36 13.39
C GLN A 353 22.69 -13.60 12.72
N ALA A 354 22.40 -13.53 11.42
CA ALA A 354 21.77 -14.66 10.73
C ALA A 354 22.65 -15.89 10.76
N LYS A 355 23.97 -15.71 10.64
CA LYS A 355 24.86 -16.85 10.60
C LYS A 355 24.73 -17.72 11.84
N LYS A 356 24.28 -17.13 12.96
CA LYS A 356 24.14 -17.83 14.22
C LYS A 356 22.78 -18.47 14.39
N CYS A 357 21.85 -18.26 13.46
CA CYS A 357 20.49 -18.73 13.63
C CYS A 357 20.28 -20.10 13.00
N ALA A 358 19.30 -20.84 13.54
CA ALA A 358 18.85 -22.05 12.91
C ALA A 358 18.17 -21.75 11.58
N PRO A 359 18.13 -22.71 10.66
CA PRO A 359 17.40 -22.50 9.41
C PRO A 359 15.91 -22.41 9.65
N PRO A 360 15.14 -21.92 8.69
CA PRO A 360 13.71 -21.71 8.92
C PRO A 360 12.95 -23.02 9.09
N LYS A 361 11.93 -22.98 9.94
CA LYS A 361 11.05 -24.12 10.06
C LYS A 361 10.19 -24.24 8.81
N GLN A 362 10.10 -25.44 8.26
CA GLN A 362 9.26 -25.66 7.10
C GLN A 362 7.79 -25.51 7.48
N LEU A 363 7.10 -24.59 6.81
CA LEU A 363 5.67 -24.39 7.01
C LEU A 363 4.86 -25.16 5.98
N GLU A 364 5.46 -25.34 4.82
CA GLU A 364 4.77 -26.03 3.71
C GLU A 364 5.77 -26.25 2.60
N THR A 365 5.33 -26.96 1.56
CA THR A 365 6.20 -27.26 0.42
C THR A 365 5.36 -27.01 -0.83
N GLY A 366 6.03 -26.86 -1.94
CA GLY A 366 5.33 -26.63 -3.20
C GLY A 366 5.77 -25.37 -3.90
N LYS A 367 4.97 -24.88 -4.84
CA LYS A 367 5.34 -23.74 -5.66
C LYS A 367 4.13 -22.84 -5.89
N ILE A 368 4.41 -21.56 -6.09
CA ILE A 368 3.44 -20.54 -6.52
C ILE A 368 3.94 -20.08 -7.89
N VAL A 369 3.04 -20.00 -8.87
N VAL A 369 3.05 -20.01 -8.88
CA VAL A 369 3.38 -19.46 -10.18
CA VAL A 369 3.39 -19.46 -10.19
C VAL A 369 2.87 -18.02 -10.24
C VAL A 369 2.87 -18.04 -10.26
N GLY A 370 3.67 -17.14 -10.83
CA GLY A 370 3.29 -15.75 -10.95
C GLY A 370 4.18 -15.05 -11.95
N GLY A 371 4.04 -13.73 -12.03
CA GLY A 371 4.81 -12.93 -12.95
C GLY A 371 4.04 -12.41 -14.14
N PHE A 372 2.72 -12.30 -14.02
CA PHE A 372 1.86 -11.90 -15.14
C PHE A 372 1.57 -10.40 -15.07
N ALA A 373 2.65 -9.62 -15.10
CA ALA A 373 2.54 -8.17 -15.22
C ALA A 373 2.36 -7.81 -16.70
N HIS A 374 2.34 -6.51 -17.01
CA HIS A 374 1.77 -6.14 -18.30
C HIS A 374 2.62 -6.61 -19.48
N ASN A 375 3.95 -6.56 -19.37
CA ASN A 375 4.77 -7.00 -20.48
C ASN A 375 4.58 -8.48 -20.77
N GLN A 376 4.54 -9.28 -19.71
CA GLN A 376 4.38 -10.73 -19.87
C GLN A 376 3.01 -11.06 -20.44
N VAL A 377 1.95 -10.40 -19.96
CA VAL A 377 0.63 -10.72 -20.48
C VAL A 377 0.47 -10.22 -21.91
N LEU A 378 1.02 -9.05 -22.22
CA LEU A 378 0.92 -8.59 -23.61
C LEU A 378 1.70 -9.51 -24.55
N ALA A 379 2.74 -10.18 -24.06
CA ALA A 379 3.46 -11.16 -24.89
C ALA A 379 2.64 -12.42 -25.13
N LEU A 380 1.62 -12.66 -24.31
CA LEU A 380 0.71 -13.78 -24.45
C LEU A 380 -0.65 -13.33 -24.99
N ALA A 381 -0.73 -12.11 -25.51
CA ALA A 381 -2.03 -11.53 -25.83
C ALA A 381 -2.83 -12.38 -26.83
N ASP A 382 -2.16 -12.92 -27.84
CA ASP A 382 -2.87 -13.74 -28.83
C ASP A 382 -3.52 -14.93 -28.15
N LYS A 383 -2.81 -15.56 -27.22
CA LYS A 383 -3.35 -16.73 -26.54
C LYS A 383 -4.52 -16.35 -25.64
N VAL A 384 -4.41 -15.21 -24.96
CA VAL A 384 -5.48 -14.74 -24.09
C VAL A 384 -6.71 -14.37 -24.91
N VAL A 385 -6.51 -13.60 -25.97
CA VAL A 385 -7.64 -13.18 -26.82
C VAL A 385 -8.31 -14.39 -27.44
N GLU A 386 -7.53 -15.38 -27.89
CA GLU A 386 -8.13 -16.56 -28.50
C GLU A 386 -9.00 -17.31 -27.49
N ALA A 387 -8.56 -17.36 -26.23
CA ALA A 387 -9.33 -18.05 -25.22
C ALA A 387 -10.61 -17.29 -24.87
N VAL A 388 -10.57 -15.96 -24.89
CA VAL A 388 -11.78 -15.17 -24.69
C VAL A 388 -12.75 -15.40 -25.86
N LYS A 389 -12.23 -15.40 -27.07
CA LYS A 389 -13.10 -15.50 -28.28
C LYS A 389 -13.73 -16.89 -28.36
N SER A 390 -13.02 -17.93 -27.94
CA SER A 390 -13.60 -19.28 -27.94
C SER A 390 -14.49 -19.55 -26.74
N GLY A 391 -14.55 -18.65 -25.77
CA GLY A 391 -15.28 -18.89 -24.54
C GLY A 391 -14.57 -19.80 -23.55
N ALA A 392 -13.34 -20.23 -23.85
CA ALA A 392 -12.56 -20.98 -22.87
C ALA A 392 -12.36 -20.17 -21.61
N ILE A 393 -12.16 -18.86 -21.75
CA ILE A 393 -12.18 -17.93 -20.64
C ILE A 393 -13.45 -17.11 -20.79
N ARG A 394 -14.42 -17.31 -19.91
CA ARG A 394 -15.67 -16.58 -20.00
C ARG A 394 -15.64 -15.28 -19.23
N LYS A 395 -14.85 -15.20 -18.16
CA LYS A 395 -14.78 -13.99 -17.36
C LYS A 395 -13.48 -13.95 -16.58
N PHE A 396 -12.92 -12.74 -16.47
CA PHE A 396 -11.85 -12.45 -15.53
C PHE A 396 -12.47 -11.82 -14.28
N VAL A 397 -11.87 -12.14 -13.14
CA VAL A 397 -12.33 -11.58 -11.84
C VAL A 397 -11.11 -10.95 -11.17
N VAL A 398 -11.11 -9.63 -11.07
CA VAL A 398 -10.02 -8.93 -10.34
C VAL A 398 -10.30 -9.07 -8.84
N MET A 399 -9.43 -9.75 -8.12
CA MET A 399 -9.58 -9.99 -6.65
C MET A 399 -8.37 -9.38 -5.96
N ALA A 400 -7.80 -8.38 -6.61
CA ALA A 400 -6.60 -7.72 -6.06
C ALA A 400 -6.88 -6.90 -4.81
N GLY A 401 -5.81 -6.49 -4.16
CA GLY A 401 -5.94 -5.61 -3.00
C GLY A 401 -5.18 -6.09 -1.79
N CYS A 402 -5.77 -5.88 -0.62
CA CYS A 402 -5.06 -6.17 0.65
C CYS A 402 -5.74 -7.29 1.43
N ASP A 403 -4.94 -8.10 2.08
CA ASP A 403 -5.48 -9.09 3.02
C ASP A 403 -5.51 -8.42 4.39
N GLY A 404 -6.10 -9.10 5.36
CA GLY A 404 -6.09 -8.65 6.73
C GLY A 404 -6.57 -9.75 7.66
N ARG A 405 -6.77 -9.39 8.92
CA ARG A 405 -7.04 -10.38 9.97
C ARG A 405 -8.48 -10.87 10.01
N HIS A 406 -9.45 -10.05 9.58
CA HIS A 406 -10.84 -10.38 9.86
C HIS A 406 -11.22 -11.73 9.24
N PRO A 407 -11.81 -12.65 10.03
CA PRO A 407 -12.21 -13.95 9.48
C PRO A 407 -13.31 -13.86 8.44
N SER A 408 -14.00 -12.71 8.32
CA SER A 408 -14.91 -12.54 7.20
C SER A 408 -14.21 -12.71 5.85
N ARG A 409 -12.90 -12.51 5.81
CA ARG A 409 -12.14 -12.66 4.58
C ARG A 409 -12.04 -14.11 4.12
N GLU A 410 -12.50 -15.06 4.91
CA GLU A 410 -12.72 -16.40 4.39
C GLU A 410 -13.57 -16.38 3.13
N TYR A 411 -14.43 -15.37 3.01
CA TYR A 411 -15.24 -15.15 1.82
C TYR A 411 -14.41 -15.21 0.54
N TYR A 412 -13.23 -14.59 0.55
CA TYR A 412 -12.42 -14.50 -0.67
C TYR A 412 -11.89 -15.86 -1.08
N THR A 413 -11.47 -16.67 -0.12
CA THR A 413 -11.04 -18.03 -0.41
C THR A 413 -12.19 -18.87 -0.95
N GLU A 414 -13.36 -18.80 -0.32
N GLU A 414 -13.35 -18.80 -0.29
CA GLU A 414 -14.47 -19.62 -0.77
CA GLU A 414 -14.52 -19.58 -0.72
C GLU A 414 -15.06 -19.12 -2.08
C GLU A 414 -14.99 -19.12 -2.09
N PHE A 415 -14.99 -17.80 -2.32
CA PHE A 415 -15.41 -17.26 -3.62
C PHE A 415 -14.52 -17.81 -4.72
N ALA A 416 -13.19 -17.78 -4.50
CA ALA A 416 -12.25 -18.33 -5.47
C ALA A 416 -12.53 -19.79 -5.74
N LYS A 417 -12.78 -20.58 -4.69
CA LYS A 417 -13.03 -22.01 -4.90
C LYS A 417 -14.33 -22.26 -5.64
N LYS A 418 -15.32 -21.40 -5.48
CA LYS A 418 -16.62 -21.60 -6.11
C LYS A 418 -16.71 -21.02 -7.51
N LEU A 419 -15.72 -20.25 -7.94
CA LEU A 419 -15.73 -19.74 -9.31
C LEU A 419 -15.74 -20.89 -10.29
N PRO A 420 -16.47 -20.76 -11.40
CA PRO A 420 -16.48 -21.83 -12.40
C PRO A 420 -15.11 -21.96 -13.06
N ASN A 421 -14.86 -23.15 -13.61
N ASN A 421 -14.86 -23.14 -13.62
CA ASN A 421 -13.54 -23.46 -14.15
CA ASN A 421 -13.53 -23.43 -14.16
C ASN A 421 -13.32 -22.76 -15.49
C ASN A 421 -13.24 -22.70 -15.47
N ASP A 422 -14.17 -21.91 -16.00
CA ASP A 422 -13.90 -21.06 -17.15
C ASP A 422 -13.69 -19.60 -16.77
N THR A 423 -13.32 -19.35 -15.52
CA THR A 423 -12.99 -17.99 -15.08
C THR A 423 -11.54 -17.94 -14.61
N VAL A 424 -10.95 -16.76 -14.72
CA VAL A 424 -9.56 -16.52 -14.36
C VAL A 424 -9.54 -15.39 -13.35
N ILE A 425 -8.81 -15.58 -12.26
CA ILE A 425 -8.61 -14.55 -11.26
C ILE A 425 -7.38 -13.74 -11.63
N LEU A 426 -7.55 -12.43 -11.61
CA LEU A 426 -6.42 -11.49 -11.81
C LEU A 426 -6.13 -10.88 -10.44
N THR A 427 -4.88 -10.92 -10.03
CA THR A 427 -4.56 -10.45 -8.67
C THR A 427 -3.27 -9.64 -8.58
N ALA A 428 -3.14 -8.95 -7.47
CA ALA A 428 -1.98 -8.11 -7.15
C ALA A 428 -2.25 -7.65 -5.71
N GLY A 429 -1.21 -7.50 -4.90
CA GLY A 429 -1.41 -7.15 -3.48
C GLY A 429 -1.56 -8.40 -2.65
N CYS A 430 -1.43 -8.22 -1.36
CA CYS A 430 -1.42 -9.45 -0.50
C CYS A 430 -2.81 -10.07 -0.34
N ALA A 431 -3.84 -9.46 -0.89
CA ALA A 431 -5.15 -10.15 -0.94
C ALA A 431 -4.96 -11.52 -1.61
N LYS A 432 -3.96 -11.64 -2.48
CA LYS A 432 -3.72 -12.88 -3.21
C LYS A 432 -3.57 -14.07 -2.28
N TYR A 433 -3.14 -13.86 -1.05
CA TYR A 433 -2.84 -15.00 -0.20
C TYR A 433 -4.06 -15.76 0.27
N ARG A 434 -5.26 -15.23 0.04
CA ARG A 434 -6.47 -16.00 0.31
C ARG A 434 -6.74 -17.06 -0.75
N TYR A 435 -6.05 -17.02 -1.90
CA TYR A 435 -6.38 -17.98 -2.96
C TYR A 435 -5.22 -18.34 -3.89
N ASN A 436 -3.99 -17.96 -3.62
CA ASN A 436 -2.90 -18.25 -4.55
C ASN A 436 -2.26 -19.62 -4.32
N LYS A 437 -2.65 -20.35 -3.29
CA LYS A 437 -2.15 -21.71 -3.06
C LYS A 437 -3.26 -22.75 -3.17
N LEU A 438 -4.32 -22.45 -3.91
CA LEU A 438 -5.48 -23.34 -4.02
C LEU A 438 -5.34 -24.39 -5.10
N GLY A 439 -4.35 -24.31 -5.98
CA GLY A 439 -4.20 -25.33 -6.99
C GLY A 439 -5.35 -25.40 -7.97
N LEU A 440 -5.78 -24.25 -8.48
CA LEU A 440 -6.96 -24.16 -9.34
C LEU A 440 -6.68 -24.56 -10.79
N GLY A 441 -5.43 -24.80 -11.16
CA GLY A 441 -5.16 -25.32 -12.49
C GLY A 441 -5.09 -24.22 -13.54
N ASP A 442 -5.38 -24.61 -14.78
CA ASP A 442 -5.16 -23.72 -15.91
C ASP A 442 -6.23 -23.96 -16.96
N ILE A 443 -6.34 -22.99 -17.88
CA ILE A 443 -7.23 -23.08 -19.03
C ILE A 443 -6.36 -22.97 -20.27
N GLY A 444 -6.20 -24.09 -20.97
CA GLY A 444 -5.32 -24.11 -22.12
C GLY A 444 -3.94 -23.55 -21.86
N GLY A 445 -3.40 -23.81 -20.67
CA GLY A 445 -2.07 -23.34 -20.32
C GLY A 445 -2.01 -21.99 -19.64
N ILE A 446 -3.12 -21.24 -19.63
CA ILE A 446 -3.20 -19.99 -18.89
C ILE A 446 -3.64 -20.32 -17.47
N PRO A 447 -2.82 -20.04 -16.46
CA PRO A 447 -3.25 -20.35 -15.08
C PRO A 447 -4.52 -19.60 -14.71
N ARG A 448 -5.32 -20.21 -13.85
CA ARG A 448 -6.56 -19.61 -13.38
C ARG A 448 -6.36 -18.55 -12.30
N VAL A 449 -5.15 -18.41 -11.77
CA VAL A 449 -4.78 -17.26 -10.97
C VAL A 449 -3.57 -16.61 -11.63
N LEU A 450 -3.73 -15.37 -12.06
CA LEU A 450 -2.66 -14.61 -12.70
C LEU A 450 -2.23 -13.48 -11.76
N ASP A 451 -1.07 -13.64 -11.15
CA ASP A 451 -0.52 -12.70 -10.18
C ASP A 451 0.39 -11.71 -10.90
N ALA A 452 -0.05 -10.46 -10.98
CA ALA A 452 0.73 -9.39 -11.61
C ALA A 452 1.74 -8.77 -10.68
N GLY A 453 1.62 -8.98 -9.37
CA GLY A 453 2.63 -8.51 -8.45
C GLY A 453 2.15 -7.88 -7.18
N GLN A 454 2.79 -6.78 -6.82
CA GLN A 454 2.48 -6.02 -5.61
C GLN A 454 1.20 -5.21 -5.84
N CYS A 455 0.70 -4.59 -4.78
CA CYS A 455 -0.50 -3.79 -4.94
C CYS A 455 -0.30 -2.73 -6.01
N ASN A 456 0.90 -2.15 -6.11
CA ASN A 456 1.17 -1.17 -7.17
C ASN A 456 1.03 -1.76 -8.55
N ASP A 457 1.10 -3.09 -8.66
CA ASP A 457 1.01 -3.79 -9.98
C ASP A 457 -0.46 -3.91 -10.43
N CYS A 458 -1.38 -3.33 -9.65
CA CYS A 458 -2.77 -3.20 -10.15
C CYS A 458 -2.66 -2.33 -11.41
N TYR A 459 -1.57 -1.57 -11.52
CA TYR A 459 -1.34 -0.81 -12.78
C TYR A 459 -1.31 -1.77 -13.97
N SER A 460 -0.58 -2.86 -13.84
CA SER A 460 -0.54 -3.84 -14.91
C SER A 460 -1.94 -4.38 -15.21
N LEU A 461 -2.75 -4.63 -14.18
CA LEU A 461 -4.10 -5.11 -14.43
C LEU A 461 -4.90 -4.09 -15.24
N ALA A 462 -4.73 -2.80 -14.92
CA ALA A 462 -5.36 -1.75 -15.71
C ALA A 462 -4.83 -1.71 -17.15
N VAL A 463 -3.51 -1.84 -17.34
CA VAL A 463 -2.92 -1.84 -18.68
C VAL A 463 -3.47 -3.00 -19.49
N ILE A 464 -3.58 -4.17 -18.86
CA ILE A 464 -4.12 -5.35 -19.52
C ILE A 464 -5.57 -5.12 -19.95
N ALA A 465 -6.39 -4.64 -19.03
CA ALA A 465 -7.78 -4.36 -19.36
C ALA A 465 -7.89 -3.36 -20.51
N LEU A 466 -7.10 -2.29 -20.47
CA LEU A 466 -7.16 -1.30 -21.53
C LEU A 466 -6.68 -1.87 -22.86
N LYS A 467 -5.72 -2.79 -22.84
CA LYS A 467 -5.31 -3.44 -24.08
C LYS A 467 -6.43 -4.31 -24.64
N LEU A 468 -7.13 -5.05 -23.76
CA LEU A 468 -8.25 -5.87 -24.23
C LEU A 468 -9.37 -5.00 -24.78
N LYS A 469 -9.64 -3.87 -24.13
CA LYS A 469 -10.64 -2.93 -24.64
C LYS A 469 -10.31 -2.50 -26.07
N GLU A 470 -9.03 -2.24 -26.34
CA GLU A 470 -8.63 -1.84 -27.68
C GLU A 470 -8.75 -3.00 -28.67
N VAL A 471 -8.29 -4.19 -28.27
CA VAL A 471 -8.33 -5.34 -29.18
C VAL A 471 -9.76 -5.63 -29.60
N PHE A 472 -10.69 -5.62 -28.65
CA PHE A 472 -12.09 -5.89 -28.93
C PHE A 472 -12.87 -4.66 -29.39
N GLU A 473 -12.19 -3.53 -29.58
CA GLU A 473 -12.79 -2.33 -30.17
C GLU A 473 -14.02 -1.87 -29.39
N LEU A 474 -13.90 -1.85 -28.07
CA LEU A 474 -15.00 -1.50 -27.19
C LEU A 474 -14.89 -0.05 -26.76
N ASP A 475 -16.04 0.61 -26.61
N ASP A 475 -16.03 0.62 -26.61
CA ASP A 475 -16.07 2.01 -26.21
CA ASP A 475 -16.05 2.01 -26.20
C ASP A 475 -16.02 2.18 -24.70
C ASP A 475 -16.00 2.19 -24.69
N ASP A 476 -16.29 1.13 -23.92
CA ASP A 476 -16.41 1.20 -22.47
C ASP A 476 -15.64 0.04 -21.88
N ILE A 477 -14.72 0.35 -20.96
CA ILE A 477 -13.96 -0.67 -20.26
C ILE A 477 -14.87 -1.70 -19.60
N ASN A 478 -16.05 -1.27 -19.17
CA ASN A 478 -16.95 -2.17 -18.47
C ASN A 478 -17.64 -3.16 -19.39
N ASP A 479 -17.54 -3.00 -20.71
CA ASP A 479 -18.07 -3.97 -21.66
C ASP A 479 -17.19 -5.21 -21.76
N LEU A 480 -16.01 -5.18 -21.16
CA LEU A 480 -15.13 -6.35 -21.13
C LEU A 480 -15.72 -7.40 -20.20
N PRO A 481 -15.33 -8.66 -20.39
CA PRO A 481 -15.75 -9.77 -19.50
C PRO A 481 -14.90 -9.78 -18.24
N ILE A 482 -15.10 -8.76 -17.40
CA ILE A 482 -14.31 -8.57 -16.19
CA ILE A 482 -14.31 -8.57 -16.19
C ILE A 482 -15.24 -8.14 -15.06
N ALA A 483 -15.06 -8.74 -13.91
CA ALA A 483 -15.73 -8.34 -12.69
C ALA A 483 -14.67 -7.96 -11.67
N PHE A 484 -15.04 -7.15 -10.68
CA PHE A 484 -14.11 -6.66 -9.69
C PHE A 484 -14.64 -7.00 -8.30
N ASN A 485 -13.86 -7.73 -7.52
CA ASN A 485 -14.22 -8.15 -6.16
C ASN A 485 -12.95 -7.96 -5.33
N VAL A 486 -12.73 -6.70 -4.93
CA VAL A 486 -11.48 -6.18 -4.39
CA VAL A 486 -11.46 -6.30 -4.39
C VAL A 486 -11.53 -6.15 -2.88
N ALA A 487 -10.44 -6.51 -2.23
CA ALA A 487 -10.32 -6.42 -0.78
C ALA A 487 -9.37 -5.29 -0.45
N TRP A 488 -9.63 -4.59 0.65
CA TRP A 488 -8.81 -3.47 1.05
C TRP A 488 -8.48 -3.54 2.54
N TYR A 489 -7.39 -2.86 2.91
CA TYR A 489 -6.99 -2.75 4.31
C TYR A 489 -6.44 -1.36 4.59
N GLU A 490 -5.34 -1.01 3.92
CA GLU A 490 -4.61 0.23 4.20
C GLU A 490 -4.71 1.20 3.02
N GLN A 491 -4.00 2.32 3.14
CA GLN A 491 -4.32 3.49 2.33
C GLN A 491 -3.80 3.42 0.89
N LYS A 492 -2.84 2.55 0.60
CA LYS A 492 -2.51 2.33 -0.80
C LYS A 492 -3.68 1.76 -1.57
N ALA A 493 -4.52 0.95 -0.90
CA ALA A 493 -5.71 0.40 -1.55
C ALA A 493 -6.70 1.51 -1.88
N VAL A 494 -6.74 2.57 -1.06
CA VAL A 494 -7.61 3.70 -1.40
C VAL A 494 -7.15 4.35 -2.69
N ALA A 495 -5.84 4.54 -2.85
CA ALA A 495 -5.32 5.10 -4.09
C ALA A 495 -5.63 4.20 -5.27
N VAL A 496 -5.49 2.88 -5.10
CA VAL A 496 -5.83 1.97 -6.19
C VAL A 496 -7.31 2.10 -6.55
N LEU A 497 -8.18 2.13 -5.54
CA LEU A 497 -9.61 2.22 -5.81
C LEU A 497 -9.91 3.48 -6.60
N LEU A 498 -9.35 4.60 -6.17
CA LEU A 498 -9.59 5.86 -6.86
C LEU A 498 -9.06 5.81 -8.28
N ALA A 499 -7.91 5.17 -8.47
CA ALA A 499 -7.39 4.97 -9.83
C ALA A 499 -8.40 4.24 -10.70
N LEU A 500 -8.99 3.15 -10.17
CA LEU A 500 -9.95 2.39 -10.95
C LEU A 500 -11.19 3.22 -11.25
N LEU A 501 -11.66 4.01 -10.29
CA LEU A 501 -12.81 4.86 -10.54
C LEU A 501 -12.49 5.90 -11.61
N TYR A 502 -11.30 6.50 -11.54
CA TYR A 502 -10.89 7.48 -12.54
C TYR A 502 -10.84 6.84 -13.94
N LEU A 503 -10.38 5.59 -14.01
CA LEU A 503 -10.30 4.88 -15.28
C LEU A 503 -11.66 4.45 -15.80
N GLY A 504 -12.72 4.66 -15.03
CA GLY A 504 -14.06 4.40 -15.49
C GLY A 504 -14.67 3.09 -15.08
N VAL A 505 -14.01 2.35 -14.19
CA VAL A 505 -14.55 1.06 -13.77
C VAL A 505 -15.76 1.26 -12.88
N LYS A 506 -16.85 0.56 -13.20
CA LYS A 506 -18.09 0.64 -12.44
C LYS A 506 -18.38 -0.72 -11.80
N ASP A 507 -19.25 -0.71 -10.80
CA ASP A 507 -19.78 -1.92 -10.17
C ASP A 507 -18.71 -2.73 -9.41
N ILE A 508 -17.70 -2.04 -8.88
CA ILE A 508 -16.70 -2.72 -8.05
C ILE A 508 -17.38 -3.20 -6.78
N VAL A 509 -17.11 -4.44 -6.40
CA VAL A 509 -17.44 -4.92 -5.05
C VAL A 509 -16.19 -4.72 -4.18
N LEU A 510 -16.39 -4.03 -3.05
CA LEU A 510 -15.29 -3.64 -2.14
C LEU A 510 -15.57 -4.22 -0.77
N GLY A 511 -14.54 -4.86 -0.20
CA GLY A 511 -14.77 -5.55 1.07
C GLY A 511 -13.50 -5.85 1.83
N PRO A 512 -13.61 -6.56 2.97
CA PRO A 512 -14.86 -7.23 3.42
C PRO A 512 -15.86 -6.31 4.12
N THR A 513 -15.46 -5.06 4.33
CA THR A 513 -16.40 -4.03 4.85
C THR A 513 -16.14 -2.76 4.05
N LEU A 514 -17.02 -1.80 4.10
CA LEU A 514 -16.79 -0.50 3.45
C LEU A 514 -16.16 0.48 4.46
N PRO A 515 -15.31 1.39 4.01
CA PRO A 515 -14.59 2.25 4.94
C PRO A 515 -15.46 3.06 5.89
N ALA A 516 -14.97 3.21 7.12
CA ALA A 516 -15.63 4.05 8.11
C ALA A 516 -15.59 5.52 7.74
N PHE A 517 -14.64 5.93 6.91
CA PHE A 517 -14.47 7.32 6.54
C PHE A 517 -15.38 7.75 5.39
N LEU A 518 -16.29 6.89 4.94
CA LEU A 518 -17.34 7.29 4.03
C LEU A 518 -18.57 7.65 4.86
N SER A 519 -18.99 8.91 4.80
CA SER A 519 -20.25 9.30 5.42
C SER A 519 -21.41 8.71 4.63
N PRO A 520 -22.59 8.64 5.22
CA PRO A 520 -23.74 8.13 4.45
C PRO A 520 -23.95 8.82 3.10
N ASN A 521 -23.83 10.14 3.03
CA ASN A 521 -24.06 10.82 1.76
C ASN A 521 -22.94 10.53 0.76
N VAL A 522 -21.70 10.42 1.23
CA VAL A 522 -20.59 10.11 0.32
C VAL A 522 -20.74 8.68 -0.18
N ALA A 523 -21.07 7.75 0.73
CA ALA A 523 -21.29 6.37 0.33
C ALA A 523 -22.41 6.29 -0.70
N LYS A 524 -23.47 7.10 -0.54
CA LYS A 524 -24.60 7.05 -1.46
C LYS A 524 -24.15 7.40 -2.89
N VAL A 525 -23.28 8.41 -3.03
CA VAL A 525 -22.74 8.74 -4.35
C VAL A 525 -21.92 7.58 -4.91
N LEU A 526 -21.07 6.98 -4.08
CA LEU A 526 -20.30 5.85 -4.58
C LEU A 526 -21.21 4.72 -5.06
N VAL A 527 -22.30 4.47 -4.34
CA VAL A 527 -23.22 3.42 -4.77
C VAL A 527 -23.92 3.82 -6.06
N GLU A 528 -24.52 5.02 -6.08
CA GLU A 528 -25.42 5.39 -7.16
C GLU A 528 -24.68 5.75 -8.43
N LYS A 529 -23.57 6.45 -8.33
CA LYS A 529 -22.84 6.90 -9.53
C LYS A 529 -21.77 5.89 -9.97
N PHE A 530 -21.14 5.20 -9.03
CA PHE A 530 -20.05 4.30 -9.39
C PHE A 530 -20.43 2.84 -9.23
N GLY A 531 -21.61 2.53 -8.71
CA GLY A 531 -22.03 1.12 -8.61
C GLY A 531 -21.29 0.33 -7.54
N ILE A 532 -20.64 1.04 -6.62
CA ILE A 532 -19.87 0.33 -5.56
C ILE A 532 -20.82 -0.46 -4.67
N SER A 533 -20.45 -1.69 -4.33
N SER A 533 -20.45 -1.69 -4.33
CA SER A 533 -21.27 -2.49 -3.40
CA SER A 533 -21.27 -2.50 -3.41
C SER A 533 -20.36 -3.26 -2.46
C SER A 533 -20.36 -3.26 -2.46
N GLY A 534 -20.84 -3.54 -1.25
CA GLY A 534 -20.06 -4.35 -0.33
C GLY A 534 -20.34 -5.81 -0.63
N ILE A 535 -19.59 -6.69 0.01
CA ILE A 535 -19.82 -8.15 -0.17
C ILE A 535 -21.11 -8.58 0.52
N THR A 536 -21.67 -9.67 0.05
CA THR A 536 -22.85 -10.26 0.74
C THR A 536 -22.45 -11.68 1.15
N THR A 537 -22.93 -12.68 0.44
CA THR A 537 -22.55 -14.09 0.70
C THR A 537 -21.83 -14.57 -0.55
N VAL A 538 -21.00 -15.60 -0.42
CA VAL A 538 -20.30 -16.11 -1.60
C VAL A 538 -21.31 -16.48 -2.67
N ASP A 539 -22.35 -17.23 -2.30
CA ASP A 539 -23.28 -17.73 -3.31
C ASP A 539 -24.00 -16.58 -3.99
N GLU A 540 -24.43 -15.57 -3.21
CA GLU A 540 -25.13 -14.43 -3.82
C GLU A 540 -24.21 -13.62 -4.73
N ASP A 541 -22.94 -13.48 -4.36
CA ASP A 541 -22.04 -12.66 -5.15
C ASP A 541 -21.53 -13.40 -6.39
N ILE A 542 -21.37 -14.71 -6.31
CA ILE A 542 -21.07 -15.48 -7.51
C ILE A 542 -22.22 -15.32 -8.51
N GLU A 543 -23.45 -15.38 -8.04
CA GLU A 543 -24.61 -15.25 -8.92
C GLU A 543 -24.63 -13.89 -9.59
N ARG A 544 -24.48 -12.82 -8.81
N ARG A 544 -24.48 -12.82 -8.81
CA ARG A 544 -24.60 -11.44 -9.35
CA ARG A 544 -24.60 -11.44 -9.35
C ARG A 544 -23.38 -11.04 -10.20
C ARG A 544 -23.39 -11.04 -10.21
N LEU A 545 -22.19 -11.49 -9.84
CA LEU A 545 -21.00 -11.06 -10.57
C LEU A 545 -20.64 -11.96 -11.74
N ILE A 546 -20.95 -13.25 -11.67
CA ILE A 546 -20.48 -14.24 -12.63
C ILE A 546 -21.62 -14.81 -13.47
N ASN A 547 -22.74 -15.15 -12.84
CA ASN A 547 -23.79 -15.91 -13.51
C ASN A 547 -25.03 -15.09 -13.83
N LYS A 548 -24.91 -13.75 -13.85
CA LYS A 548 -26.00 -12.85 -14.22
C LYS A 548 -25.37 -11.53 -14.65
MG MG B . -12.52 28.86 -3.35
MG MG C . 12.81 -17.16 18.52
C ACT D . -17.05 10.70 8.65
O ACT D . -15.94 11.17 8.85
OXT ACT D . -18.11 10.99 9.24
CH3 ACT D . -17.15 9.64 7.56
MG MG E . 18.79 0.15 19.78
MG MG F . 12.78 7.54 -19.50
FE1 SF4 G . -6.13 3.69 12.65
FE2 SF4 G . -6.58 1.21 11.61
FE3 SF4 G . -7.44 1.79 14.09
FE4 SF4 G . -4.83 1.43 13.60
S1 SF4 G . -6.52 -0.16 13.48
S2 SF4 G . -5.69 3.08 14.85
S3 SF4 G . -4.61 2.49 11.49
S4 SF4 G . -8.15 2.76 12.08
C2 ETX H . 25.27 -11.66 -9.56
O2 ETX H . 26.00 -12.85 -9.36
C3 ETX H . 25.25 -14.03 -9.62
C4 ETX H . 26.24 -15.20 -9.71
O1 ETX H . 27.14 -10.49 -8.54
C1 ETX H . 26.24 -10.47 -9.64
C FMT I . -22.05 15.40 -1.73
O1 FMT I . -22.42 14.81 -0.73
O2 FMT I . -21.02 14.91 -2.42
C1 EDO J . 18.16 -4.99 -16.34
O1 EDO J . 17.03 -4.56 -17.11
C2 EDO J . 17.72 -6.07 -15.36
O2 EDO J . 17.46 -7.29 -16.06
C FMT K . -0.32 15.99 -14.97
O1 FMT K . -1.43 16.21 -15.41
O2 FMT K . 0.67 15.61 -15.78
C1 GOL L . -21.21 5.86 10.41
O1 GOL L . -20.46 4.71 10.82
C2 GOL L . -20.34 6.81 9.63
O2 GOL L . -20.36 6.46 8.24
C3 GOL L . -20.70 8.26 9.83
O3 GOL L . -20.05 9.09 8.88
C FMT M . -2.72 4.52 -18.29
O1 FMT M . -2.59 5.60 -18.86
O2 FMT M . -2.10 3.45 -18.78
C1 GOL N . 13.32 26.64 16.59
O1 GOL N . 12.51 27.25 15.58
C2 GOL N . 12.42 25.99 17.64
O2 GOL N . 11.63 24.97 16.98
C3 GOL N . 13.26 25.45 18.80
O3 GOL N . 13.38 24.04 18.78
FE1 SF3 O . -0.70 -5.80 1.96
FE3 SF3 O . -0.15 -4.61 4.37
FE4 SF3 O . -2.25 -3.55 1.44
FE7 SF3 O . 0.92 -3.80 -0.98
S1 SF3 O . 1.31 -5.61 3.01
S2 SF3 O . -1.01 -4.77 -0.08
S3 SF3 O . -2.19 -4.76 3.39
C1 MRD P . -16.03 11.71 -4.12
C2 MRD P . -16.83 10.60 -4.79
O2 MRD P . -17.91 11.16 -5.54
CM MRD P . -17.48 9.74 -3.73
C3 MRD P . -15.91 9.75 -5.70
C4 MRD P . -15.21 10.49 -6.82
O4 MRD P . -16.12 11.15 -7.68
C5 MRD P . -14.38 9.52 -7.64
C1 GOL Q . -17.20 7.97 13.36
O1 GOL Q . -17.14 7.08 12.25
C2 GOL Q . -17.26 9.39 12.82
O2 GOL Q . -18.41 9.49 11.98
C3 GOL Q . -17.35 10.41 13.93
O3 GOL Q . -18.46 10.08 14.78
#